data_3AIA
#
_entry.id   3AIA
#
_cell.length_a   42.862
_cell.length_b   93.869
_cell.length_c   53.837
_cell.angle_alpha   90.00
_cell.angle_beta   100.14
_cell.angle_gamma   90.00
#
_symmetry.space_group_name_H-M   'P 1 21 1'
#
loop_
_entity.id
_entity.type
_entity.pdbx_description
1 polymer 'UPF0217 protein MJ1640'
2 non-polymer S-ADENOSYLMETHIONINE
3 non-polymer pentane-2,2,4,4-tetrol
4 water water
#
_entity_poly.entity_id   1
_entity_poly.type   'polypeptide(L)'
_entity_poly.pdbx_seq_one_letter_code
;GSHMASMREFIFKANKTITSSDINLKDLPGSCGRLDLLCRCVSDAFFLSHDIRRDVVFYAVLYGQPNPPVCIKFVGSELK
KVSPDERNIAIFIKKALKKFEELDEEQRKDWNQSTPGIYVRRLGFRNLVLEKLEEGKNIYYLHMNGEDVENVDIENPVFI
IGDHIGIGEEDERFLDEIKAKRISLSPLELHANHCITIIHNVLDKKRICEI
;
_entity_poly.pdbx_strand_id   A,B
#
loop_
_chem_comp.id
_chem_comp.type
_chem_comp.name
_chem_comp.formula
PBL non-polymer pentane-2,2,4,4-tetrol 'C5 H12 O4'
SAM non-polymer S-ADENOSYLMETHIONINE 'C15 H22 N6 O5 S'
#
# COMPACT_ATOMS: atom_id res chain seq x y z
N MET A 7 -7.67 20.77 4.21
CA MET A 7 -7.21 19.84 3.11
C MET A 7 -5.88 19.18 3.42
N ARG A 8 -5.68 17.97 2.89
CA ARG A 8 -4.40 17.29 2.97
C ARG A 8 -3.90 17.13 1.56
N GLU A 9 -2.75 17.74 1.25
CA GLU A 9 -2.22 17.70 -0.12
C GLU A 9 -0.84 17.07 -0.12
N PHE A 10 -0.53 16.40 -1.22
CA PHE A 10 0.71 15.66 -1.40
C PHE A 10 1.31 15.98 -2.74
N ILE A 11 2.63 16.12 -2.80
CA ILE A 11 3.34 16.19 -4.08
C ILE A 11 4.34 15.07 -4.10
N PHE A 12 4.20 14.18 -5.08
CA PHE A 12 5.10 13.06 -5.27
C PHE A 12 5.94 13.31 -6.52
N LYS A 13 7.26 13.32 -6.37
CA LYS A 13 8.17 13.52 -7.51
C LYS A 13 8.61 12.17 -8.04
N ALA A 14 8.14 11.81 -9.24
CA ALA A 14 8.42 10.52 -9.85
C ALA A 14 9.55 10.72 -10.87
N ASN A 15 10.80 10.47 -10.45
CA ASN A 15 11.97 10.76 -11.28
C ASN A 15 12.01 10.01 -12.60
N LYS A 16 11.51 8.78 -12.60
CA LYS A 16 11.69 7.86 -13.73
C LYS A 16 10.39 7.54 -14.48
N THR A 17 9.25 7.92 -13.93
CA THR A 17 8.00 7.46 -14.47
C THR A 17 7.76 8.04 -15.87
N ILE A 18 7.36 7.14 -16.78
CA ILE A 18 7.07 7.39 -18.18
C ILE A 18 6.12 8.57 -18.38
N THR A 19 6.39 9.38 -19.42
CA THR A 19 5.57 10.56 -19.71
C THR A 19 4.89 10.45 -21.08
N SER A 20 4.64 9.23 -21.52
CA SER A 20 3.79 8.98 -22.68
C SER A 20 2.76 7.92 -22.32
N SER A 21 1.77 7.78 -23.19
CA SER A 21 0.74 6.78 -22.99
C SER A 21 1.12 5.36 -23.42
N ASP A 22 2.39 5.17 -23.79
CA ASP A 22 2.89 3.84 -24.19
C ASP A 22 3.21 3.02 -22.96
N ILE A 23 2.17 2.73 -22.19
CA ILE A 23 2.32 2.07 -20.89
C ILE A 23 2.07 0.58 -20.99
N ASN A 24 3.09 -0.20 -20.63
CA ASN A 24 3.00 -1.65 -20.52
C ASN A 24 2.47 -2.01 -19.11
N LEU A 25 1.18 -2.35 -19.05
CA LEU A 25 0.56 -2.72 -17.76
C LEU A 25 1.19 -3.97 -17.14
N LYS A 26 1.89 -4.75 -17.95
CA LYS A 26 2.56 -5.97 -17.49
C LYS A 26 3.96 -5.69 -16.96
N ASP A 27 4.41 -4.43 -17.09
CA ASP A 27 5.71 -4.04 -16.51
C ASP A 27 5.64 -2.63 -15.96
N LEU A 28 4.77 -2.43 -14.99
CA LEU A 28 4.69 -1.13 -14.32
C LEU A 28 6.01 -0.75 -13.65
N PRO A 29 6.73 -1.70 -13.01
CA PRO A 29 7.98 -1.30 -12.38
C PRO A 29 9.11 -0.95 -13.33
N GLY A 30 9.26 -1.71 -14.42
CA GLY A 30 10.44 -1.59 -15.29
C GLY A 30 10.27 -0.59 -16.40
N SER A 31 9.62 -1.00 -17.48
CA SER A 31 9.54 -0.12 -18.65
C SER A 31 8.76 1.16 -18.39
N CYS A 32 7.87 1.15 -17.38
CA CYS A 32 7.09 2.36 -17.07
C CYS A 32 7.80 3.28 -16.06
N GLY A 33 8.93 2.85 -15.53
CA GLY A 33 9.71 3.71 -14.63
C GLY A 33 9.11 3.80 -13.24
N ARG A 34 8.90 2.66 -12.60
CA ARG A 34 8.33 2.59 -11.24
C ARG A 34 6.94 3.22 -11.14
N LEU A 35 6.18 3.04 -12.19
CA LEU A 35 4.79 3.50 -12.19
C LEU A 35 4.00 2.76 -11.10
N ASP A 36 4.36 1.51 -10.78
CA ASP A 36 3.69 0.78 -9.69
C ASP A 36 3.75 1.56 -8.38
N LEU A 37 4.89 2.14 -8.05
CA LEU A 37 5.00 2.94 -6.83
C LEU A 37 4.06 4.13 -6.84
N LEU A 38 4.03 4.84 -7.96
CA LEU A 38 3.13 5.97 -8.08
C LEU A 38 1.71 5.50 -7.87
N CYS A 39 1.34 4.37 -8.47
CA CYS A 39 -0.04 3.89 -8.31
C CYS A 39 -0.35 3.57 -6.85
N ARG A 40 0.59 2.94 -6.16
CA ARG A 40 0.42 2.65 -4.73
C ARG A 40 0.27 3.93 -3.91
N CYS A 41 1.04 4.98 -4.23
CA CYS A 41 0.89 6.26 -3.54
C CYS A 41 -0.49 6.85 -3.77
N VAL A 42 -0.99 6.85 -5.00
CA VAL A 42 -2.34 7.35 -5.27
C VAL A 42 -3.35 6.54 -4.46
N SER A 43 -3.22 5.22 -4.51
CA SER A 43 -4.13 4.35 -3.79
C SER A 43 -4.16 4.68 -2.30
N ASP A 44 -2.98 4.73 -1.68
CA ASP A 44 -2.89 4.97 -0.25
C ASP A 44 -3.28 6.39 0.15
N ALA A 45 -3.16 7.33 -0.77
CA ALA A 45 -3.55 8.72 -0.48
C ALA A 45 -5.06 8.88 -0.35
N PHE A 46 -5.83 8.06 -1.07
CA PHE A 46 -7.27 8.27 -1.21
C PHE A 46 -8.20 7.28 -0.55
N PHE A 47 -7.87 6.00 -0.61
CA PHE A 47 -8.89 4.99 -0.35
C PHE A 47 -8.99 4.56 1.10
N LEU A 48 -10.24 4.48 1.55
CA LEU A 48 -10.60 3.96 2.86
C LEU A 48 -11.41 2.70 2.61
N SER A 49 -11.71 1.96 3.68
CA SER A 49 -12.49 0.73 3.54
C SER A 49 -13.78 0.98 2.75
N HIS A 50 -14.51 2.02 3.14
CA HIS A 50 -15.85 2.26 2.58
C HIS A 50 -16.00 3.46 1.64
N ASP A 51 -14.94 4.23 1.43
CA ASP A 51 -15.04 5.45 0.64
C ASP A 51 -13.67 6.01 0.24
N ILE A 52 -13.70 7.28 -0.20
CA ILE A 52 -12.51 8.01 -0.61
C ILE A 52 -12.35 9.22 0.30
N ARG A 53 -11.11 9.61 0.60
CA ARG A 53 -10.82 10.82 1.37
C ARG A 53 -11.06 12.04 0.52
N ARG A 54 -12.16 12.72 0.77
CA ARG A 54 -12.56 13.85 -0.05
C ARG A 54 -11.76 15.12 0.24
N ASP A 55 -10.98 15.12 1.31
CA ASP A 55 -10.16 16.27 1.66
C ASP A 55 -8.72 16.14 1.15
N VAL A 56 -8.50 15.25 0.20
CA VAL A 56 -7.14 15.03 -0.31
C VAL A 56 -6.99 15.53 -1.74
N VAL A 57 -5.87 16.20 -2.02
CA VAL A 57 -5.42 16.45 -3.40
C VAL A 57 -4.02 15.84 -3.53
N PHE A 58 -3.80 15.12 -4.60
CA PHE A 58 -2.49 14.46 -4.82
C PHE A 58 -1.93 14.91 -6.16
N TYR A 59 -0.69 15.38 -6.17
CA TYR A 59 -0.03 15.80 -7.40
C TYR A 59 1.11 14.85 -7.64
N ALA A 60 1.23 14.37 -8.87
CA ALA A 60 2.38 13.57 -9.29
C ALA A 60 3.12 14.39 -10.33
N VAL A 61 4.43 14.56 -10.15
CA VAL A 61 5.24 15.22 -11.16
C VAL A 61 6.17 14.18 -11.77
N LEU A 62 5.94 13.86 -13.04
CA LEU A 62 6.62 12.76 -13.73
C LEU A 62 7.77 13.30 -14.56
N TYR A 63 8.96 12.72 -14.37
CA TYR A 63 10.18 13.20 -15.01
C TYR A 63 10.81 12.20 -15.97
N GLY A 64 10.22 11.04 -16.14
CA GLY A 64 10.71 10.07 -17.12
C GLY A 64 10.54 10.51 -18.57
N GLN A 65 11.24 9.81 -19.46
CA GLN A 65 11.12 10.08 -20.89
C GLN A 65 9.75 9.64 -21.40
N PRO A 66 9.35 10.13 -22.57
CA PRO A 66 10.06 11.00 -23.51
C PRO A 66 9.70 12.48 -23.47
N ASN A 67 8.77 12.89 -22.62
CA ASN A 67 8.25 14.24 -22.67
C ASN A 67 8.05 14.89 -21.29
N PRO A 68 9.10 14.90 -20.45
CA PRO A 68 8.96 15.48 -19.12
C PRO A 68 9.06 17.00 -19.13
N PRO A 69 8.54 17.67 -18.10
CA PRO A 69 7.75 17.09 -17.00
C PRO A 69 6.25 17.05 -17.33
N VAL A 70 5.54 16.11 -16.71
CA VAL A 70 4.07 16.09 -16.79
C VAL A 70 3.54 16.03 -15.36
N CYS A 71 2.61 16.93 -15.03
CA CYS A 71 2.02 16.91 -13.71
C CYS A 71 0.58 16.42 -13.82
N ILE A 72 0.23 15.47 -12.97
CA ILE A 72 -1.13 14.95 -12.87
C ILE A 72 -1.66 15.29 -11.48
N LYS A 73 -2.78 16.03 -11.44
CA LYS A 73 -3.48 16.39 -10.23
C LYS A 73 -4.71 15.47 -10.06
N PHE A 74 -4.79 14.84 -8.88
CA PHE A 74 -5.92 13.99 -8.50
C PHE A 74 -6.68 14.65 -7.39
N VAL A 75 -7.98 14.89 -7.63
CA VAL A 75 -8.79 15.65 -6.70
C VAL A 75 -9.78 14.68 -6.05
N GLY A 76 -9.51 14.33 -4.80
CA GLY A 76 -10.34 13.34 -4.09
C GLY A 76 -11.84 13.55 -4.13
N SER A 77 -12.25 14.81 -4.00
CA SER A 77 -13.66 15.13 -3.93
C SER A 77 -14.34 14.94 -5.28
N GLU A 78 -13.57 14.76 -6.34
CA GLU A 78 -14.12 14.62 -7.69
C GLU A 78 -13.88 13.25 -8.35
N LEU A 79 -13.01 12.43 -7.79
CA LEU A 79 -12.66 11.16 -8.42
C LEU A 79 -13.88 10.25 -8.63
N LYS A 80 -13.94 9.64 -9.82
CA LYS A 80 -14.96 8.64 -10.19
C LYS A 80 -14.30 7.49 -10.90
N LYS A 81 -14.79 6.29 -10.59
CA LYS A 81 -14.41 5.02 -11.25
C LYS A 81 -12.99 4.53 -10.98
N VAL A 82 -12.30 5.19 -10.05
CA VAL A 82 -10.96 4.78 -9.65
C VAL A 82 -11.11 3.79 -8.52
N SER A 83 -10.34 2.71 -8.60
CA SER A 83 -10.28 1.67 -7.56
C SER A 83 -8.86 1.61 -7.02
N PRO A 84 -8.68 1.00 -5.83
CA PRO A 84 -7.34 1.05 -5.19
C PRO A 84 -6.24 0.20 -5.81
N ASP A 85 -6.57 -0.66 -6.78
CA ASP A 85 -5.56 -1.57 -7.36
C ASP A 85 -4.66 -0.86 -8.35
N GLU A 86 -3.42 -1.31 -8.45
CA GLU A 86 -2.44 -0.68 -9.32
C GLU A 86 -2.87 -0.64 -10.78
N ARG A 87 -3.46 -1.71 -11.31
CA ARG A 87 -3.80 -1.75 -12.73
C ARG A 87 -4.81 -0.66 -13.08
N ASN A 88 -5.87 -0.54 -12.28
CA ASN A 88 -6.89 0.47 -12.53
C ASN A 88 -6.31 1.88 -12.50
N ILE A 89 -5.49 2.16 -11.49
CA ILE A 89 -4.88 3.47 -11.38
C ILE A 89 -3.92 3.74 -12.54
N ALA A 90 -3.16 2.72 -12.95
CA ALA A 90 -2.28 2.87 -14.10
C ALA A 90 -3.03 3.19 -15.37
N ILE A 91 -4.20 2.58 -15.54
CA ILE A 91 -5.04 2.86 -16.72
C ILE A 91 -5.51 4.31 -16.67
N PHE A 92 -5.88 4.82 -15.50
CA PHE A 92 -6.28 6.25 -15.40
C PHE A 92 -5.11 7.19 -15.69
N ILE A 93 -3.92 6.79 -15.31
CA ILE A 93 -2.73 7.57 -15.59
C ILE A 93 -2.43 7.55 -17.09
N LYS A 94 -2.55 6.36 -17.68
CA LYS A 94 -2.39 6.22 -19.13
C LYS A 94 -3.38 7.14 -19.87
N LYS A 95 -4.63 7.18 -19.43
CA LYS A 95 -5.59 8.08 -20.06
C LYS A 95 -5.19 9.53 -19.92
N ALA A 96 -4.65 9.91 -18.76
CA ALA A 96 -4.21 11.29 -18.54
C ALA A 96 -3.04 11.64 -19.47
N LEU A 97 -2.11 10.70 -19.65
CA LEU A 97 -0.99 10.96 -20.53
C LEU A 97 -1.41 11.01 -22.00
N LYS A 98 -2.42 10.20 -22.36
CA LYS A 98 -2.98 10.27 -23.71
C LYS A 98 -3.62 11.66 -23.95
N LYS A 99 -4.38 12.15 -22.95
CA LYS A 99 -4.95 13.49 -23.04
C LYS A 99 -3.84 14.51 -23.27
N PHE A 100 -2.77 14.41 -22.48
CA PHE A 100 -1.63 15.31 -22.60
C PHE A 100 -1.06 15.32 -24.02
N GLU A 101 -0.98 14.13 -24.62
CA GLU A 101 -0.48 13.95 -25.99
C GLU A 101 -1.36 14.61 -27.06
N GLU A 102 -2.62 14.84 -26.73
CA GLU A 102 -3.58 15.42 -27.68
C GLU A 102 -3.55 16.94 -27.68
N LEU A 103 -2.84 17.53 -26.72
CA LEU A 103 -2.85 18.97 -26.49
C LEU A 103 -1.65 19.64 -27.11
N ASP A 104 -1.83 20.89 -27.53
CA ASP A 104 -0.66 21.71 -27.91
C ASP A 104 0.00 22.33 -26.69
N GLU A 105 1.18 22.93 -26.86
CA GLU A 105 1.92 23.41 -25.69
C GLU A 105 1.20 24.55 -24.98
N GLU A 106 0.45 25.35 -25.73
CA GLU A 106 -0.33 26.41 -25.09
C GLU A 106 -1.40 25.82 -24.16
N GLN A 107 -2.14 24.84 -24.66
CA GLN A 107 -3.14 24.15 -23.85
C GLN A 107 -2.53 23.45 -22.64
N ARG A 108 -1.30 22.93 -22.78
CA ARG A 108 -0.65 22.25 -21.66
C ARG A 108 -0.29 23.19 -20.51
N LYS A 109 -0.39 24.50 -20.71
CA LYS A 109 -0.20 25.45 -19.61
C LYS A 109 -1.30 25.34 -18.57
N ASP A 110 -2.48 24.85 -18.99
CA ASP A 110 -3.64 24.76 -18.11
C ASP A 110 -3.77 23.41 -17.43
N TRP A 111 -4.63 23.33 -16.42
CA TRP A 111 -5.11 22.00 -15.98
C TRP A 111 -6.12 21.49 -17.00
N ASN A 112 -5.87 20.28 -17.51
CA ASN A 112 -6.70 19.70 -18.55
C ASN A 112 -7.31 18.43 -18.00
N GLN A 113 -8.63 18.45 -17.85
CA GLN A 113 -9.34 17.30 -17.30
C GLN A 113 -9.26 16.12 -18.22
N SER A 114 -8.94 14.96 -17.66
CA SER A 114 -8.89 13.72 -18.43
C SER A 114 -10.09 12.82 -18.12
N THR A 115 -10.28 12.55 -16.84
CA THR A 115 -11.43 11.82 -16.32
C THR A 115 -11.84 12.56 -15.05
N PRO A 116 -13.00 12.24 -14.45
CA PRO A 116 -13.42 13.05 -13.29
C PRO A 116 -12.36 13.07 -12.18
N GLY A 117 -11.98 14.27 -11.77
CA GLY A 117 -11.00 14.45 -10.71
C GLY A 117 -9.58 14.29 -11.13
N ILE A 118 -9.30 14.04 -12.41
CA ILE A 118 -7.89 13.85 -12.85
C ILE A 118 -7.56 14.85 -13.94
N TYR A 119 -6.52 15.64 -13.71
CA TYR A 119 -6.17 16.76 -14.59
C TYR A 119 -4.70 16.66 -14.94
N VAL A 120 -4.33 17.07 -16.14
CA VAL A 120 -2.93 16.97 -16.58
C VAL A 120 -2.45 18.32 -17.07
N ARG A 121 -1.17 18.60 -16.88
CA ARG A 121 -0.61 19.94 -17.12
C ARG A 121 0.89 19.85 -17.26
N ARG A 122 1.45 20.73 -18.08
CA ARG A 122 2.91 20.88 -18.13
C ARG A 122 3.33 21.74 -16.94
N LEU A 123 3.97 21.11 -15.96
CA LEU A 123 4.36 21.79 -14.74
C LEU A 123 5.46 20.98 -14.05
N GLY A 124 6.52 21.67 -13.64
CA GLY A 124 7.60 21.03 -12.90
C GLY A 124 7.42 21.18 -11.40
N PHE A 125 8.27 20.46 -10.68
CA PHE A 125 8.19 20.39 -9.23
C PHE A 125 8.32 21.73 -8.51
N ARG A 126 9.36 22.50 -8.84
CA ARG A 126 9.59 23.76 -8.15
C ARG A 126 8.47 24.76 -8.40
N ASN A 127 8.04 24.86 -9.65
CA ASN A 127 6.92 25.77 -9.98
C ASN A 127 5.62 25.37 -9.30
N LEU A 128 5.37 24.06 -9.20
CA LEU A 128 4.19 23.63 -8.47
C LEU A 128 4.27 24.02 -6.99
N VAL A 129 5.42 23.80 -6.36
CA VAL A 129 5.57 24.19 -4.97
C VAL A 129 5.41 25.70 -4.81
N LEU A 130 5.96 26.49 -5.74
CA LEU A 130 5.75 27.94 -5.69
C LEU A 130 4.28 28.34 -5.79
N GLU A 131 3.53 27.63 -6.62
CA GLU A 131 2.09 27.89 -6.72
C GLU A 131 1.42 27.58 -5.38
N LYS A 132 1.82 26.51 -4.73
CA LYS A 132 1.24 26.16 -3.44
C LYS A 132 1.60 27.16 -2.36
N LEU A 133 2.83 27.67 -2.37
CA LEU A 133 3.23 28.76 -1.47
C LEU A 133 2.34 29.99 -1.68
N GLU A 134 2.11 30.34 -2.95
CA GLU A 134 1.29 31.53 -3.27
C GLU A 134 -0.14 31.32 -2.77
N GLU A 135 -0.59 30.09 -2.77
CA GLU A 135 -1.90 29.71 -2.27
C GLU A 135 -2.02 29.81 -0.74
N GLY A 136 -0.88 29.94 -0.05
CA GLY A 136 -0.88 30.06 1.42
C GLY A 136 -0.60 28.74 2.13
N LYS A 137 -0.19 27.71 1.40
CA LYS A 137 0.11 26.42 2.03
C LYS A 137 1.42 26.43 2.79
N ASN A 138 1.49 25.58 3.80
CA ASN A 138 2.74 25.26 4.46
C ASN A 138 3.32 23.99 3.87
N ILE A 139 4.60 24.03 3.55
CA ILE A 139 5.25 22.90 2.93
C ILE A 139 5.99 22.05 3.96
N TYR A 140 5.69 20.76 3.98
CA TYR A 140 6.36 19.81 4.84
C TYR A 140 7.04 18.79 3.99
N TYR A 141 8.29 18.54 4.29
CA TYR A 141 9.02 17.58 3.55
C TYR A 141 9.19 16.38 4.44
N LEU A 142 8.48 15.30 4.07
CA LEU A 142 8.61 14.04 4.78
C LEU A 142 9.99 13.48 4.45
N HIS A 143 10.84 13.46 5.47
CA HIS A 143 12.21 12.97 5.33
C HIS A 143 12.64 12.30 6.63
N MET A 144 13.32 11.16 6.51
CA MET A 144 13.72 10.32 7.66
C MET A 144 14.37 11.06 8.85
N ASN A 145 15.12 12.12 8.60
CA ASN A 145 15.83 12.82 9.70
C ASN A 145 15.23 14.17 10.13
N GLY A 146 13.99 14.42 9.75
CA GLY A 146 13.26 15.59 10.24
C GLY A 146 12.87 15.49 11.71
N GLU A 147 12.18 16.53 12.17
CA GLU A 147 11.61 16.50 13.51
C GLU A 147 10.55 15.40 13.58
N ASP A 148 10.50 14.67 14.69
CA ASP A 148 9.44 13.68 14.93
C ASP A 148 8.08 14.32 14.67
N VAL A 149 7.32 13.71 13.76
CA VAL A 149 6.01 14.24 13.35
C VAL A 149 5.06 14.49 14.51
N GLU A 150 5.20 13.73 15.59
CA GLU A 150 4.24 13.86 16.69
C GLU A 150 4.37 15.20 17.39
N ASN A 151 5.50 15.89 17.20
CA ASN A 151 5.76 17.18 17.86
C ASN A 151 5.52 18.38 16.93
N VAL A 152 5.23 18.11 15.66
CA VAL A 152 5.13 19.16 14.65
C VAL A 152 3.69 19.67 14.55
N ASP A 153 3.49 20.99 14.64
CA ASP A 153 2.15 21.57 14.50
C ASP A 153 1.76 21.78 13.05
N ILE A 154 1.20 20.74 12.45
CA ILE A 154 0.85 20.70 11.03
C ILE A 154 -0.41 21.53 10.76
N GLU A 155 -0.29 22.49 9.85
CA GLU A 155 -1.44 23.29 9.40
C GLU A 155 -1.41 23.50 7.89
N ASN A 156 -2.59 23.49 7.27
CA ASN A 156 -2.75 23.80 5.83
C ASN A 156 -1.63 23.16 4.98
N PRO A 157 -1.45 21.82 5.09
CA PRO A 157 -0.23 21.20 4.62
C PRO A 157 -0.17 20.78 3.14
N VAL A 158 1.03 20.87 2.58
CA VAL A 158 1.40 20.13 1.41
C VAL A 158 2.59 19.28 1.82
N PHE A 159 2.45 17.96 1.68
CA PHE A 159 3.54 17.02 2.01
C PHE A 159 4.30 16.61 0.79
N ILE A 160 5.61 16.84 0.79
CA ILE A 160 6.48 16.41 -0.29
C ILE A 160 6.98 15.01 -0.01
N ILE A 161 6.81 14.13 -0.99
CA ILE A 161 7.18 12.73 -0.90
C ILE A 161 8.06 12.41 -2.10
N GLY A 162 9.25 11.87 -1.81
CA GLY A 162 10.15 11.42 -2.88
C GLY A 162 9.90 9.99 -3.29
N ASP A 163 10.50 9.60 -4.41
CA ASP A 163 10.39 8.22 -4.91
C ASP A 163 11.55 7.40 -4.38
N HIS A 164 11.85 6.27 -5.00
CA HIS A 164 12.89 5.42 -4.40
C HIS A 164 14.24 6.13 -4.35
N ILE A 165 14.55 6.84 -5.42
CA ILE A 165 15.80 7.56 -5.47
C ILE A 165 15.75 8.79 -4.56
N GLY A 166 14.60 9.44 -4.51
CA GLY A 166 14.41 10.59 -3.64
C GLY A 166 14.36 11.89 -4.41
N ILE A 167 14.11 12.96 -3.66
CA ILE A 167 13.90 14.29 -4.22
C ILE A 167 15.17 14.80 -4.91
N GLY A 168 16.32 14.49 -4.34
CA GLY A 168 17.58 14.90 -4.95
C GLY A 168 18.09 16.24 -4.47
N GLU A 169 19.38 16.46 -4.67
CA GLU A 169 20.07 17.62 -4.10
C GLU A 169 19.52 18.96 -4.58
N GLU A 170 19.20 19.07 -5.86
CA GLU A 170 18.75 20.33 -6.44
C GLU A 170 17.43 20.77 -5.81
N ASP A 171 16.49 19.85 -5.73
CA ASP A 171 15.20 20.17 -5.17
C ASP A 171 15.22 20.26 -3.64
N GLU A 172 16.09 19.52 -2.98
CA GLU A 172 16.26 19.72 -1.53
C GLU A 172 16.80 21.12 -1.19
N ARG A 173 17.68 21.63 -2.05
CA ARG A 173 18.24 22.99 -1.91
C ARG A 173 17.10 24.00 -1.97
N PHE A 174 16.23 23.83 -2.95
CA PHE A 174 15.04 24.66 -3.11
C PHE A 174 14.15 24.57 -1.87
N LEU A 175 13.84 23.35 -1.42
CA LEU A 175 12.95 23.19 -0.29
C LEU A 175 13.52 23.83 0.97
N ASP A 176 14.83 23.72 1.17
CA ASP A 176 15.41 24.36 2.34
C ASP A 176 15.40 25.88 2.23
N GLU A 177 15.53 26.39 1.02
CA GLU A 177 15.54 27.84 0.81
C GLU A 177 14.17 28.42 1.12
N ILE A 178 13.11 27.74 0.74
CA ILE A 178 11.75 28.23 1.03
C ILE A 178 11.30 27.81 2.43
N LYS A 179 12.20 27.16 3.18
CA LYS A 179 11.98 26.82 4.58
C LYS A 179 10.88 25.78 4.79
N ALA A 180 10.80 24.83 3.86
CA ALA A 180 9.96 23.65 4.05
C ALA A 180 10.38 22.94 5.34
N LYS A 181 9.40 22.49 6.10
CA LYS A 181 9.67 21.87 7.40
C LYS A 181 9.93 20.38 7.25
N ARG A 182 11.10 19.92 7.64
CA ARG A 182 11.40 18.48 7.56
C ARG A 182 10.77 17.71 8.71
N ILE A 183 10.13 16.59 8.37
CA ILE A 183 9.40 15.76 9.34
C ILE A 183 9.74 14.29 9.17
N SER A 184 10.13 13.64 10.27
CA SER A 184 10.40 12.21 10.28
C SER A 184 9.19 11.43 10.79
N LEU A 185 8.95 10.29 10.16
CA LEU A 185 7.78 9.45 10.46
C LEU A 185 8.18 8.12 11.09
N SER A 186 9.45 7.79 11.02
CA SER A 186 9.95 6.44 11.37
C SER A 186 11.46 6.43 11.49
N PRO A 187 12.03 5.55 12.34
CA PRO A 187 13.49 5.39 12.34
C PRO A 187 14.00 4.63 11.13
N LEU A 188 13.08 4.00 10.38
CA LEU A 188 13.48 3.25 9.19
C LEU A 188 13.14 4.01 7.92
N GLU A 189 13.90 3.76 6.87
CA GLU A 189 13.59 4.28 5.56
C GLU A 189 12.50 3.44 4.90
N LEU A 190 11.33 4.04 4.78
CA LEU A 190 10.13 3.36 4.26
C LEU A 190 9.88 3.66 2.80
N HIS A 191 9.04 2.84 2.17
CA HIS A 191 8.49 3.18 0.85
C HIS A 191 7.60 4.41 0.94
N ALA A 192 7.59 5.21 -0.13
CA ALA A 192 6.80 6.43 -0.20
C ALA A 192 5.34 6.26 0.17
N ASN A 193 4.72 5.17 -0.28
CA ASN A 193 3.30 5.00 -0.02
C ASN A 193 3.02 4.77 1.46
N HIS A 194 3.92 4.06 2.13
CA HIS A 194 3.80 3.84 3.57
C HIS A 194 3.83 5.14 4.35
N CYS A 195 4.65 6.07 3.89
CA CYS A 195 4.74 7.39 4.51
C CYS A 195 3.41 8.13 4.45
N ILE A 196 2.72 8.02 3.32
CA ILE A 196 1.40 8.60 3.15
C ILE A 196 0.42 8.02 4.17
N THR A 197 0.45 6.70 4.34
CA THR A 197 -0.43 6.06 5.32
C THR A 197 -0.13 6.53 6.74
N ILE A 198 1.16 6.64 7.07
CA ILE A 198 1.56 7.09 8.40
C ILE A 198 1.12 8.53 8.66
N ILE A 199 1.30 9.42 7.68
CA ILE A 199 0.87 10.80 7.86
C ILE A 199 -0.65 10.91 7.99
N HIS A 200 -1.42 10.19 7.17
CA HIS A 200 -2.85 10.16 7.34
C HIS A 200 -3.23 9.73 8.75
N ASN A 201 -2.54 8.73 9.29
CA ASN A 201 -2.91 8.23 10.63
C ASN A 201 -2.65 9.28 11.71
N VAL A 202 -1.51 9.95 11.61
CA VAL A 202 -1.19 11.04 12.53
C VAL A 202 -2.29 12.09 12.50
N LEU A 203 -2.72 12.47 11.31
CA LEU A 203 -3.72 13.52 11.16
C LEU A 203 -5.12 13.05 11.54
N ASP A 204 -5.46 11.81 11.22
CA ASP A 204 -6.72 11.23 11.64
C ASP A 204 -6.87 11.25 13.17
N LYS A 205 -5.79 10.90 13.88
CA LYS A 205 -5.79 10.87 15.35
C LYS A 205 -5.93 12.27 15.95
N LYS A 206 -5.44 13.29 15.24
CA LYS A 206 -5.66 14.68 15.64
C LYS A 206 -7.08 15.09 15.33
N MET B 7 9.97 -11.58 16.41
CA MET B 7 9.22 -11.84 15.13
C MET B 7 7.93 -11.08 15.12
N ARG B 8 7.53 -10.66 13.93
CA ARG B 8 6.23 -10.01 13.75
C ARG B 8 5.43 -10.86 12.77
N GLU B 9 4.27 -11.33 13.20
CA GLU B 9 3.50 -12.26 12.36
C GLU B 9 2.09 -11.78 12.12
N PHE B 10 1.57 -12.12 10.95
CA PHE B 10 0.26 -11.65 10.55
C PHE B 10 -0.57 -12.79 9.98
N ILE B 11 -1.87 -12.77 10.26
CA ILE B 11 -2.84 -13.68 9.60
C ILE B 11 -3.92 -12.85 8.94
N PHE B 12 -4.06 -13.01 7.63
CA PHE B 12 -5.10 -12.33 6.86
C PHE B 12 -6.08 -13.35 6.31
N LYS B 13 -7.35 -13.21 6.67
CA LYS B 13 -8.40 -14.12 6.22
C LYS B 13 -9.02 -13.54 4.96
N ALA B 14 -8.82 -14.21 3.84
CA ALA B 14 -9.30 -13.74 2.55
C ALA B 14 -10.56 -14.51 2.16
N ASN B 15 -11.72 -13.95 2.49
CA ASN B 15 -12.98 -14.65 2.36
C ASN B 15 -13.33 -15.13 0.96
N LYS B 16 -12.98 -14.31 -0.04
CA LYS B 16 -13.43 -14.57 -1.39
C LYS B 16 -12.30 -14.88 -2.37
N THR B 17 -11.05 -14.82 -1.89
CA THR B 17 -9.93 -14.95 -2.82
C THR B 17 -9.82 -16.34 -3.45
N ILE B 18 -9.66 -16.37 -4.76
CA ILE B 18 -9.54 -17.57 -5.57
C ILE B 18 -8.55 -18.60 -5.01
N THR B 19 -8.92 -19.88 -5.09
CA THR B 19 -8.06 -20.96 -4.58
C THR B 19 -7.64 -21.91 -5.71
N SER B 20 -7.59 -21.37 -6.92
CA SER B 20 -7.11 -22.08 -8.10
C SER B 20 -6.06 -21.23 -8.77
N SER B 21 -5.15 -21.85 -9.50
CA SER B 21 -4.12 -21.11 -10.23
C SER B 21 -4.65 -20.50 -11.54
N ASP B 22 -5.93 -20.72 -11.84
CA ASP B 22 -6.54 -20.16 -13.04
C ASP B 22 -6.94 -18.70 -12.80
N ILE B 23 -5.91 -17.86 -12.77
CA ILE B 23 -6.00 -16.47 -12.34
C ILE B 23 -5.94 -15.54 -13.54
N ASN B 24 -6.89 -14.62 -13.61
CA ASN B 24 -6.83 -13.54 -14.58
C ASN B 24 -6.09 -12.35 -13.95
N LEU B 25 -4.83 -12.16 -14.35
CA LEU B 25 -4.04 -11.05 -13.81
C LEU B 25 -4.61 -9.67 -14.15
N LYS B 26 -5.47 -9.61 -15.17
CA LYS B 26 -6.08 -8.34 -15.56
C LYS B 26 -7.31 -8.03 -14.74
N ASP B 27 -7.73 -8.95 -13.87
CA ASP B 27 -8.84 -8.69 -12.96
C ASP B 27 -8.59 -9.32 -11.59
N LEU B 28 -7.57 -8.83 -10.91
CA LEU B 28 -7.29 -9.24 -9.55
C LEU B 28 -8.43 -8.90 -8.57
N PRO B 29 -9.10 -7.75 -8.72
CA PRO B 29 -10.20 -7.47 -7.79
C PRO B 29 -11.45 -8.32 -7.96
N GLY B 30 -11.86 -8.56 -9.20
CA GLY B 30 -13.16 -9.15 -9.50
C GLY B 30 -13.12 -10.65 -9.53
N SER B 31 -12.68 -11.20 -10.65
CA SER B 31 -12.71 -12.65 -10.84
C SER B 31 -11.79 -13.39 -9.87
N CYS B 32 -10.81 -12.69 -9.32
CA CYS B 32 -9.88 -13.34 -8.39
C CYS B 32 -10.32 -13.18 -6.93
N GLY B 33 -11.41 -12.45 -6.70
CA GLY B 33 -11.96 -12.31 -5.35
C GLY B 33 -11.09 -11.46 -4.46
N ARG B 34 -10.83 -10.24 -4.89
CA ARG B 34 -10.03 -9.26 -4.14
C ARG B 34 -8.61 -9.73 -3.85
N LEU B 35 -8.04 -10.42 -4.82
CA LEU B 35 -6.64 -10.84 -4.74
C LEU B 35 -5.72 -9.61 -4.68
N ASP B 36 -6.15 -8.51 -5.30
CA ASP B 36 -5.37 -7.27 -5.24
C ASP B 36 -5.10 -6.83 -3.80
N LEU B 37 -6.13 -6.87 -2.95
CA LEU B 37 -5.97 -6.51 -1.55
C LEU B 37 -4.96 -7.39 -0.85
N LEU B 38 -5.07 -8.71 -1.06
CA LEU B 38 -4.09 -9.65 -0.49
C LEU B 38 -2.69 -9.28 -0.94
N CYS B 39 -2.51 -9.03 -2.22
CA CYS B 39 -1.19 -8.66 -2.74
C CYS B 39 -0.65 -7.40 -2.04
N ARG B 40 -1.51 -6.40 -1.87
CA ARG B 40 -1.07 -5.18 -1.17
C ARG B 40 -0.70 -5.44 0.29
N CYS B 41 -1.41 -6.36 0.94
CA CYS B 41 -1.08 -6.74 2.31
C CYS B 41 0.29 -7.41 2.39
N VAL B 42 0.57 -8.32 1.45
CA VAL B 42 1.87 -8.98 1.42
C VAL B 42 2.96 -7.91 1.19
N SER B 43 2.71 -7.04 0.22
CA SER B 43 3.69 -6.01 -0.10
C SER B 43 4.03 -5.15 1.12
N ASP B 44 2.99 -4.68 1.79
CA ASP B 44 3.18 -3.77 2.93
C ASP B 44 3.73 -4.50 4.16
N ALA B 45 3.48 -5.81 4.27
CA ALA B 45 4.05 -6.57 5.38
C ALA B 45 5.56 -6.70 5.32
N PHE B 46 6.13 -6.69 4.11
CA PHE B 46 7.53 -7.08 3.94
C PHE B 46 8.50 -5.99 3.50
N PHE B 47 8.07 -5.11 2.61
CA PHE B 47 9.03 -4.27 1.90
C PHE B 47 9.35 -2.96 2.55
N LEU B 48 10.65 -2.67 2.56
CA LEU B 48 11.20 -1.39 2.99
C LEU B 48 11.94 -0.79 1.83
N SER B 49 12.50 0.40 2.02
CA SER B 49 13.21 1.06 0.95
C SER B 49 14.33 0.21 0.38
N HIS B 50 15.17 -0.36 1.23
CA HIS B 50 16.37 -1.02 0.71
C HIS B 50 16.51 -2.49 1.05
N ASP B 51 15.40 -3.10 1.45
CA ASP B 51 15.39 -4.50 1.82
C ASP B 51 14.01 -5.01 2.16
N ILE B 52 13.99 -6.21 2.71
CA ILE B 52 12.79 -6.88 3.19
C ILE B 52 12.92 -7.00 4.70
N ARG B 53 11.79 -6.98 5.39
CA ARG B 53 11.77 -7.24 6.83
C ARG B 53 11.95 -8.74 7.07
N ARG B 54 13.14 -9.10 7.55
CA ARG B 54 13.51 -10.50 7.72
C ARG B 54 12.86 -11.13 8.94
N ASP B 55 12.22 -10.30 9.76
CA ASP B 55 11.61 -10.77 10.99
C ASP B 55 10.09 -10.88 10.87
N VAL B 56 9.59 -10.99 9.63
CA VAL B 56 8.14 -11.06 9.42
C VAL B 56 7.74 -12.41 8.82
N VAL B 57 6.62 -12.95 9.31
CA VAL B 57 5.95 -14.10 8.69
C VAL B 57 4.51 -13.66 8.42
N PHE B 58 4.03 -13.94 7.21
CA PHE B 58 2.66 -13.57 6.83
C PHE B 58 1.89 -14.79 6.38
N TYR B 59 0.69 -14.99 6.92
CA TYR B 59 -0.17 -16.12 6.53
C TYR B 59 -1.41 -15.59 5.88
N ALA B 60 -1.71 -16.10 4.70
CA ALA B 60 -2.98 -15.79 4.03
C ALA B 60 -3.85 -17.04 4.06
N VAL B 61 -5.09 -16.93 4.54
CA VAL B 61 -6.01 -18.05 4.51
C VAL B 61 -7.11 -17.73 3.50
N LEU B 62 -7.14 -18.50 2.41
CA LEU B 62 -7.98 -18.20 1.25
C LEU B 62 -9.22 -19.08 1.25
N TYR B 63 -10.39 -18.46 1.20
CA TYR B 63 -11.67 -19.20 1.29
C TYR B 63 -12.54 -19.15 0.04
N GLY B 64 -12.05 -18.51 -1.02
CA GLY B 64 -12.78 -18.47 -2.28
C GLY B 64 -12.84 -19.80 -2.99
N GLN B 65 -13.67 -19.86 -4.02
CA GLN B 65 -13.78 -21.03 -4.88
C GLN B 65 -12.52 -21.25 -5.70
N PRO B 66 -12.30 -22.46 -6.21
CA PRO B 66 -13.09 -23.69 -6.10
C PRO B 66 -12.62 -24.71 -5.06
N ASN B 67 -11.54 -24.43 -4.35
CA ASN B 67 -10.94 -25.48 -3.50
C ASN B 67 -10.48 -24.96 -2.13
N PRO B 68 -11.36 -24.29 -1.37
CA PRO B 68 -10.94 -23.74 -0.07
C PRO B 68 -10.95 -24.80 1.04
N PRO B 69 -10.25 -24.54 2.16
CA PRO B 69 -9.35 -23.41 2.37
C PRO B 69 -7.95 -23.74 1.86
N VAL B 70 -7.22 -22.70 1.49
CA VAL B 70 -5.80 -22.83 1.17
C VAL B 70 -5.03 -21.81 1.99
N CYS B 71 -3.97 -22.24 2.68
CA CYS B 71 -3.17 -21.32 3.42
C CYS B 71 -1.82 -21.15 2.76
N ILE B 72 -1.41 -19.90 2.57
CA ILE B 72 -0.08 -19.59 2.05
C ILE B 72 0.74 -18.87 3.12
N LYS B 73 1.91 -19.42 3.46
CA LYS B 73 2.82 -18.83 4.42
C LYS B 73 3.97 -18.18 3.65
N PHE B 74 4.22 -16.91 3.96
CA PHE B 74 5.34 -16.16 3.40
C PHE B 74 6.33 -15.86 4.52
N VAL B 75 7.58 -16.31 4.33
CA VAL B 75 8.62 -16.18 5.36
C VAL B 75 9.61 -15.13 4.89
N GLY B 76 9.59 -13.97 5.54
CA GLY B 76 10.44 -12.84 5.11
C GLY B 76 11.92 -13.14 4.98
N SER B 77 12.45 -13.88 5.94
CA SER B 77 13.89 -14.20 5.93
C SER B 77 14.31 -15.09 4.74
N GLU B 78 13.32 -15.71 4.06
CA GLU B 78 13.60 -16.61 2.94
C GLU B 78 13.13 -16.14 1.57
N LEU B 79 12.30 -15.10 1.53
CA LEU B 79 11.73 -14.70 0.23
C LEU B 79 12.79 -14.35 -0.81
N LYS B 80 12.59 -14.80 -2.04
CA LYS B 80 13.46 -14.48 -3.17
C LYS B 80 12.61 -14.13 -4.38
N LYS B 81 13.07 -13.11 -5.12
CA LYS B 81 12.51 -12.67 -6.41
C LYS B 81 11.13 -12.02 -6.34
N VAL B 82 10.67 -11.75 -5.11
CA VAL B 82 9.38 -11.10 -4.93
C VAL B 82 9.61 -9.59 -4.92
N SER B 83 8.74 -8.86 -5.62
CA SER B 83 8.81 -7.41 -5.66
C SER B 83 7.51 -6.83 -5.09
N PRO B 84 7.50 -5.53 -4.74
CA PRO B 84 6.36 -4.95 -4.03
C PRO B 84 5.07 -4.74 -4.83
N ASP B 85 5.12 -4.89 -6.16
CA ASP B 85 3.95 -4.63 -7.01
C ASP B 85 2.95 -5.79 -7.00
N GLU B 86 1.69 -5.45 -7.21
CA GLU B 86 0.61 -6.44 -7.16
C GLU B 86 0.79 -7.55 -8.17
N ARG B 87 1.17 -7.22 -9.40
CA ARG B 87 1.23 -8.24 -10.44
C ARG B 87 2.29 -9.32 -10.07
N ASN B 88 3.47 -8.88 -9.62
CA ASN B 88 4.51 -9.84 -9.22
C ASN B 88 4.05 -10.75 -8.09
N ILE B 89 3.42 -10.16 -7.06
CA ILE B 89 2.97 -10.94 -5.92
C ILE B 89 1.87 -11.92 -6.34
N ALA B 90 0.97 -11.46 -7.21
CA ALA B 90 -0.10 -12.32 -7.71
C ALA B 90 0.46 -13.51 -8.47
N ILE B 91 1.53 -13.29 -9.23
CA ILE B 91 2.18 -14.38 -9.93
C ILE B 91 2.78 -15.40 -8.95
N PHE B 92 3.38 -14.94 -7.86
CA PHE B 92 3.90 -15.88 -6.86
C PHE B 92 2.77 -16.62 -6.15
N ILE B 93 1.63 -15.96 -5.92
CA ILE B 93 0.48 -16.63 -5.34
C ILE B 93 -0.09 -17.69 -6.33
N LYS B 94 -0.17 -17.33 -7.60
CA LYS B 94 -0.52 -18.28 -8.65
C LYS B 94 0.40 -19.51 -8.65
N LYS B 95 1.71 -19.30 -8.53
CA LYS B 95 2.66 -20.42 -8.46
C LYS B 95 2.40 -21.29 -7.24
N ALA B 96 2.07 -20.69 -6.10
CA ALA B 96 1.76 -21.44 -4.89
C ALA B 96 0.48 -22.27 -5.07
N LEU B 97 -0.53 -21.68 -5.72
CA LEU B 97 -1.75 -22.44 -6.00
C LEU B 97 -1.53 -23.55 -7.01
N LYS B 98 -0.64 -23.32 -7.98
CA LYS B 98 -0.26 -24.38 -8.93
C LYS B 98 0.44 -25.55 -8.19
N LYS B 99 1.35 -25.21 -7.27
CA LYS B 99 1.98 -26.23 -6.43
C LYS B 99 0.90 -27.02 -5.67
N PHE B 100 -0.06 -26.32 -5.09
CA PHE B 100 -1.13 -26.95 -4.31
C PHE B 100 -1.93 -27.93 -5.16
N GLU B 101 -2.14 -27.53 -6.42
CA GLU B 101 -2.86 -28.35 -7.39
C GLU B 101 -2.14 -29.65 -7.77
N GLU B 102 -0.84 -29.69 -7.56
CA GLU B 102 -0.03 -30.85 -7.91
C GLU B 102 0.03 -31.88 -6.79
N LEU B 103 -0.56 -31.57 -5.64
CA LEU B 103 -0.43 -32.43 -4.45
C LEU B 103 -1.73 -33.19 -4.16
N ASP B 104 -1.60 -34.39 -3.59
CA ASP B 104 -2.78 -35.09 -3.03
C ASP B 104 -3.12 -34.55 -1.63
N GLU B 105 -4.25 -34.97 -1.07
CA GLU B 105 -4.73 -34.40 0.19
C GLU B 105 -3.81 -34.75 1.34
N GLU B 106 -3.16 -35.92 1.29
CA GLU B 106 -2.23 -36.26 2.35
C GLU B 106 -1.04 -35.29 2.35
N GLN B 107 -0.48 -35.04 1.18
CA GLN B 107 0.62 -34.08 1.05
C GLN B 107 0.21 -32.66 1.43
N ARG B 108 -1.04 -32.29 1.13
CA ARG B 108 -1.51 -30.97 1.47
C ARG B 108 -1.56 -30.71 2.97
N LYS B 109 -1.41 -31.75 3.79
CA LYS B 109 -1.38 -31.56 5.23
C LYS B 109 -0.11 -30.83 5.70
N ASP B 110 0.95 -30.88 4.87
CA ASP B 110 2.25 -30.28 5.21
C ASP B 110 2.37 -28.88 4.65
N TRP B 111 3.35 -28.13 5.14
CA TRP B 111 3.81 -26.96 4.41
C TRP B 111 4.58 -27.40 3.19
N ASN B 112 4.15 -26.96 2.00
CA ASN B 112 4.74 -27.40 0.76
C ASN B 112 5.36 -26.20 0.10
N GLN B 113 6.69 -26.19 -0.04
CA GLN B 113 7.41 -25.06 -0.62
C GLN B 113 7.10 -24.92 -2.09
N SER B 114 6.78 -23.70 -2.50
CA SER B 114 6.52 -23.40 -3.90
C SER B 114 7.68 -22.67 -4.55
N THR B 115 8.07 -21.56 -3.94
CA THR B 115 9.23 -20.76 -4.33
C THR B 115 9.91 -20.38 -3.00
N PRO B 116 11.13 -19.81 -3.02
CA PRO B 116 11.78 -19.55 -1.73
C PRO B 116 10.97 -18.68 -0.77
N GLY B 117 10.78 -19.18 0.43
CA GLY B 117 9.99 -18.50 1.45
C GLY B 117 8.46 -18.56 1.30
N ILE B 118 7.94 -19.29 0.31
CA ILE B 118 6.49 -19.35 0.10
C ILE B 118 6.06 -20.80 0.16
N TYR B 119 5.12 -21.09 1.06
CA TYR B 119 4.67 -22.46 1.33
C TYR B 119 3.14 -22.52 1.31
N VAL B 120 2.61 -23.66 0.88
CA VAL B 120 1.16 -23.80 0.71
C VAL B 120 0.70 -25.04 1.43
N ARG B 121 -0.52 -24.99 1.97
CA ARG B 121 -1.01 -26.05 2.86
C ARG B 121 -2.52 -25.99 2.96
N ARG B 122 -3.15 -27.14 3.16
CA ARG B 122 -4.56 -27.19 3.49
C ARG B 122 -4.71 -26.88 4.98
N LEU B 123 -5.21 -25.70 5.29
CA LEU B 123 -5.31 -25.24 6.68
C LEU B 123 -6.28 -24.10 6.71
N GLY B 124 -7.18 -24.13 7.69
CA GLY B 124 -8.12 -23.06 7.91
C GLY B 124 -7.75 -22.14 9.06
N PHE B 125 -8.56 -21.09 9.21
CA PHE B 125 -8.26 -20.02 10.14
C PHE B 125 -8.13 -20.44 11.61
N ARG B 126 -9.13 -21.13 12.13
CA ARG B 126 -9.11 -21.47 13.57
C ARG B 126 -7.95 -22.40 13.91
N ASN B 127 -7.72 -23.40 13.07
CA ASN B 127 -6.60 -24.31 13.32
C ASN B 127 -5.24 -23.66 13.23
N LEU B 128 -5.07 -22.73 12.29
CA LEU B 128 -3.84 -21.94 12.22
C LEU B 128 -3.64 -21.14 13.52
N VAL B 129 -4.69 -20.45 13.97
CA VAL B 129 -4.55 -19.70 15.22
C VAL B 129 -4.13 -20.60 16.39
N LEU B 130 -4.75 -21.78 16.50
CA LEU B 130 -4.35 -22.72 17.55
C LEU B 130 -2.91 -23.19 17.43
N GLU B 131 -2.43 -23.40 16.20
CA GLU B 131 -1.03 -23.75 16.03
C GLU B 131 -0.12 -22.62 16.51
N LYS B 132 -0.52 -21.37 16.24
CA LYS B 132 0.30 -20.26 16.70
C LYS B 132 0.31 -20.14 18.23
N LEU B 133 -0.85 -20.36 18.86
CA LEU B 133 -0.91 -20.41 20.33
C LEU B 133 0.00 -21.49 20.91
N GLU B 134 0.02 -22.66 20.27
CA GLU B 134 0.88 -23.76 20.71
C GLU B 134 2.37 -23.40 20.62
N GLU B 135 2.74 -22.52 19.69
CA GLU B 135 4.12 -22.01 19.58
C GLU B 135 4.49 -21.03 20.69
N GLY B 136 3.49 -20.56 21.42
CA GLY B 136 3.71 -19.59 22.49
C GLY B 136 3.43 -18.16 22.09
N LYS B 137 2.75 -17.98 20.94
CA LYS B 137 2.46 -16.65 20.42
C LYS B 137 1.30 -16.01 21.14
N ASN B 138 1.29 -14.68 21.17
CA ASN B 138 0.15 -13.93 21.65
C ASN B 138 -0.65 -13.42 20.47
N ILE B 139 -1.97 -13.59 20.52
CA ILE B 139 -2.84 -13.23 19.42
C ILE B 139 -3.43 -11.85 19.70
N TYR B 140 -3.34 -10.98 18.71
CA TYR B 140 -3.92 -9.65 18.79
C TYR B 140 -4.80 -9.49 17.57
N TYR B 141 -6.00 -8.98 17.75
CA TYR B 141 -6.85 -8.75 16.60
C TYR B 141 -7.41 -7.35 16.53
N LEU B 142 -7.59 -6.88 15.32
CA LEU B 142 -8.05 -5.53 15.07
C LEU B 142 -9.58 -5.47 15.09
N HIS B 143 -10.10 -4.25 15.25
CA HIS B 143 -11.53 -3.99 15.00
C HIS B 143 -11.94 -2.54 15.24
N MET B 144 -12.30 -2.21 16.49
CA MET B 144 -12.88 -0.91 16.84
C MET B 144 -12.58 -0.48 18.29
N ASN B 145 -13.10 -1.24 19.25
CA ASN B 145 -13.12 -0.84 20.66
C ASN B 145 -11.82 -1.04 21.44
N GLY B 146 -10.81 -1.63 20.80
CA GLY B 146 -9.60 -2.00 21.48
C GLY B 146 -8.70 -0.85 21.89
N GLU B 147 -7.82 -1.12 22.85
CA GLU B 147 -6.76 -0.20 23.22
C GLU B 147 -5.81 -0.01 22.03
N ASP B 148 -5.28 1.19 21.86
CA ASP B 148 -4.40 1.46 20.71
C ASP B 148 -3.12 0.65 20.83
N VAL B 149 -2.68 0.08 19.70
CA VAL B 149 -1.49 -0.78 19.71
C VAL B 149 -0.26 -0.12 20.38
N GLU B 150 -0.20 1.20 20.33
CA GLU B 150 0.92 1.97 20.90
C GLU B 150 1.03 1.82 22.41
N ASN B 151 -0.10 1.54 23.04
CA ASN B 151 -0.19 1.50 24.49
C ASN B 151 -0.12 0.08 25.05
N VAL B 152 -0.36 -0.91 24.19
CA VAL B 152 -0.35 -2.30 24.60
C VAL B 152 1.09 -2.80 24.69
N ASP B 153 1.37 -3.61 25.70
CA ASP B 153 2.63 -4.29 25.76
C ASP B 153 2.52 -5.44 24.77
N ILE B 154 3.36 -5.40 23.72
CA ILE B 154 3.34 -6.40 22.65
C ILE B 154 4.54 -7.33 22.75
N GLU B 155 4.27 -8.63 22.80
CA GLU B 155 5.34 -9.62 22.79
C GLU B 155 4.93 -10.81 21.94
N ASN B 156 5.92 -11.42 21.29
CA ASN B 156 5.70 -12.58 20.39
C ASN B 156 4.37 -12.54 19.65
N PRO B 157 4.11 -11.47 18.88
CA PRO B 157 2.80 -11.18 18.34
C PRO B 157 2.39 -11.93 17.06
N VAL B 158 1.13 -12.33 17.01
CA VAL B 158 0.44 -12.67 15.75
C VAL B 158 -0.71 -11.71 15.61
N PHE B 159 -0.68 -10.91 14.55
CA PHE B 159 -1.74 -9.94 14.29
C PHE B 159 -2.78 -10.46 13.31
N ILE B 160 -4.04 -10.48 13.73
CA ILE B 160 -5.13 -10.90 12.86
C ILE B 160 -5.69 -9.70 12.12
N ILE B 161 -5.68 -9.82 10.78
CA ILE B 161 -6.15 -8.79 9.86
C ILE B 161 -7.31 -9.33 8.99
N GLY B 162 -8.48 -8.68 9.03
CA GLY B 162 -9.61 -9.10 8.20
C GLY B 162 -9.64 -8.47 6.81
N ASP B 163 -10.44 -9.04 5.90
CA ASP B 163 -10.60 -8.46 4.55
C ASP B 163 -11.73 -7.44 4.54
N HIS B 164 -12.22 -7.06 3.36
CA HIS B 164 -13.22 -5.98 3.29
C HIS B 164 -14.51 -6.32 4.04
N ILE B 165 -15.04 -7.52 3.81
CA ILE B 165 -16.24 -7.97 4.51
C ILE B 165 -15.93 -8.21 5.99
N GLY B 166 -14.75 -8.77 6.26
CA GLY B 166 -14.29 -8.97 7.62
C GLY B 166 -14.26 -10.43 8.05
N ILE B 167 -13.78 -10.65 9.26
CA ILE B 167 -13.60 -11.98 9.86
C ILE B 167 -14.92 -12.77 9.94
N GLY B 168 -16.02 -12.06 10.19
CA GLY B 168 -17.33 -12.69 10.31
C GLY B 168 -17.66 -13.00 11.76
N GLU B 169 -18.97 -12.97 12.07
CA GLU B 169 -19.46 -13.18 13.44
C GLU B 169 -18.94 -14.48 14.07
N GLU B 170 -18.99 -15.56 13.29
CA GLU B 170 -18.60 -16.89 13.75
C GLU B 170 -17.17 -16.93 14.31
N ASP B 171 -16.19 -16.48 13.52
CA ASP B 171 -14.80 -16.49 13.95
C ASP B 171 -14.46 -15.41 14.97
N GLU B 172 -15.26 -14.34 15.02
CA GLU B 172 -15.04 -13.25 15.97
C GLU B 172 -15.15 -13.66 17.43
N ARG B 173 -16.08 -14.56 17.74
CA ARG B 173 -16.30 -15.04 19.11
C ARG B 173 -15.23 -16.06 19.52
N PHE B 174 -14.73 -16.81 18.54
CA PHE B 174 -13.62 -17.74 18.74
C PHE B 174 -12.39 -17.01 19.29
N LEU B 175 -12.08 -15.85 18.73
CA LEU B 175 -10.98 -15.02 19.20
C LEU B 175 -11.27 -14.45 20.59
N ASP B 176 -12.53 -14.10 20.82
CA ASP B 176 -13.02 -13.72 22.16
C ASP B 176 -12.80 -14.87 23.15
N GLU B 177 -13.18 -16.08 22.75
CA GLU B 177 -13.10 -17.27 23.60
C GLU B 177 -11.67 -17.69 23.94
N ILE B 178 -10.73 -17.50 23.01
CA ILE B 178 -9.33 -17.80 23.26
C ILE B 178 -8.60 -16.62 23.92
N LYS B 179 -9.35 -15.54 24.13
CA LYS B 179 -8.88 -14.33 24.81
C LYS B 179 -7.72 -13.63 24.09
N ALA B 180 -7.84 -13.53 22.76
CA ALA B 180 -6.95 -12.72 21.96
C ALA B 180 -7.20 -11.24 22.25
N LYS B 181 -6.15 -10.46 22.40
CA LYS B 181 -6.29 -9.04 22.76
C LYS B 181 -6.76 -8.16 21.61
N ARG B 182 -7.85 -7.44 21.83
CA ARG B 182 -8.35 -6.45 20.88
C ARG B 182 -7.42 -5.25 20.84
N ILE B 183 -7.02 -4.83 19.64
CA ILE B 183 -6.23 -3.61 19.47
C ILE B 183 -6.85 -2.71 18.41
N SER B 184 -6.65 -1.40 18.56
CA SER B 184 -7.10 -0.46 17.54
C SER B 184 -5.91 0.32 17.00
N LEU B 185 -6.11 0.96 15.85
CA LEU B 185 -5.03 1.66 15.15
C LEU B 185 -5.39 3.06 14.72
N SER B 186 -6.69 3.31 14.55
CA SER B 186 -7.18 4.52 13.92
C SER B 186 -8.67 4.77 14.19
N PRO B 187 -9.09 6.05 14.21
CA PRO B 187 -10.52 6.34 14.32
C PRO B 187 -11.33 6.00 13.07
N LEU B 188 -10.66 5.73 11.95
CA LEU B 188 -11.37 5.44 10.70
C LEU B 188 -11.23 3.97 10.33
N GLU B 189 -12.16 3.47 9.52
CA GLU B 189 -12.09 2.11 9.01
C GLU B 189 -11.15 2.08 7.81
N LEU B 190 -9.97 1.50 8.00
CA LEU B 190 -8.90 1.51 7.00
C LEU B 190 -8.88 0.22 6.21
N HIS B 191 -8.29 0.27 5.02
CA HIS B 191 -7.94 -0.96 4.32
C HIS B 191 -6.96 -1.80 5.13
N ALA B 192 -7.04 -3.12 4.96
CA ALA B 192 -6.21 -4.06 5.71
C ALA B 192 -4.72 -3.79 5.59
N ASN B 193 -4.28 -3.40 4.39
CA ASN B 193 -2.86 -3.19 4.18
C ASN B 193 -2.33 -1.99 4.97
N HIS B 194 -3.17 -0.96 5.06
CA HIS B 194 -2.84 0.23 5.87
C HIS B 194 -2.66 -0.10 7.34
N CYS B 195 -3.48 -1.03 7.84
CA CYS B 195 -3.34 -1.49 9.20
C CYS B 195 -1.98 -2.12 9.46
N ILE B 196 -1.50 -2.91 8.50
CA ILE B 196 -0.18 -3.53 8.60
C ILE B 196 0.95 -2.47 8.71
N THR B 197 0.89 -1.45 7.85
CA THR B 197 1.85 -0.36 7.87
C THR B 197 1.89 0.37 9.23
N ILE B 198 0.70 0.63 9.77
CA ILE B 198 0.60 1.32 11.05
C ILE B 198 1.16 0.47 12.20
N ILE B 199 0.80 -0.82 12.24
CA ILE B 199 1.42 -1.74 13.20
C ILE B 199 2.95 -1.74 13.11
N HIS B 200 3.49 -1.85 11.90
CA HIS B 200 4.93 -1.84 11.76
C HIS B 200 5.53 -0.56 12.31
N ASN B 201 4.89 0.56 12.03
CA ASN B 201 5.43 1.86 12.46
C ASN B 201 5.50 1.96 13.99
N VAL B 202 4.43 1.51 14.65
CA VAL B 202 4.38 1.52 16.12
C VAL B 202 5.52 0.68 16.71
N LEU B 203 5.67 -0.54 16.19
CA LEU B 203 6.75 -1.42 16.62
C LEU B 203 8.14 -0.90 16.29
N ASP B 204 8.30 -0.31 15.09
CA ASP B 204 9.58 0.27 14.69
C ASP B 204 10.01 1.36 15.66
N LYS B 205 9.06 2.18 16.09
CA LYS B 205 9.36 3.31 16.97
C LYS B 205 9.68 2.87 18.38
N LYS B 206 9.11 1.75 18.81
CA LYS B 206 9.45 1.15 20.10
C LYS B 206 10.85 0.55 20.09
CG SAM C . 13.60 7.81 -0.67
SD SAM C . 12.37 6.99 0.41
C5' SAM C . 10.82 7.54 -0.35
C4' SAM C . 10.20 8.76 0.29
O4' SAM C . 9.54 8.39 1.48
C3' SAM C . 11.21 9.83 0.72
O3' SAM C . 11.51 10.76 -0.30
C2' SAM C . 10.51 10.50 1.87
O2' SAM C . 9.64 11.48 1.34
C1' SAM C . 9.67 9.40 2.46
N9 SAM C . 10.21 8.74 3.67
C8 SAM C . 10.82 7.51 3.71
N7 SAM C . 11.11 7.21 4.99
C5 SAM C . 10.67 8.24 5.77
C6 SAM C . 10.69 8.49 7.15
N6 SAM C . 11.23 7.62 8.01
N1 SAM C . 10.15 9.65 7.63
C2 SAM C . 9.57 10.58 6.78
N3 SAM C . 9.55 10.35 5.41
C4 SAM C . 10.09 9.20 4.94
C1 PBL D . 21.50 23.51 -13.37
C2 PBL D . 22.44 24.59 -12.86
O2 PBL D . 23.70 23.97 -12.63
C3 PBL D . 21.91 25.17 -11.55
C4 PBL D . 22.81 26.28 -11.02
O4 PBL D . 24.05 25.71 -10.56
C5 PBL D . 22.18 26.99 -9.83
O2' PBL D . 22.62 25.64 -13.81
O4' PBL D . 23.07 27.21 -12.08
CG SAM E . -13.60 -4.53 7.36
SD SAM E . -12.17 -3.44 7.12
C5' SAM E . -10.83 -4.59 6.75
C4' SAM E . -9.99 -5.02 7.95
O4' SAM E . -9.08 -4.01 8.32
C3' SAM E . -10.81 -5.32 9.20
O3' SAM E . -11.22 -6.66 9.25
C2' SAM E . -9.88 -4.96 10.33
O2' SAM E . -9.10 -6.08 10.66
C1' SAM E . -8.97 -3.90 9.73
N9 SAM E . -9.33 -2.53 10.13
C8 SAM E . -10.00 -1.61 9.35
N7 SAM E . -10.12 -0.47 10.06
C5 SAM E . -9.53 -0.62 11.26
C6 SAM E . -9.38 0.22 12.35
N6 SAM E . -9.84 1.46 12.32
N1 SAM E . -8.73 -0.24 13.48
C2 SAM E . -8.23 -1.52 13.52
N3 SAM E . -8.40 -2.36 12.43
C4 SAM E . -9.04 -1.92 11.32
C1 PBL F . -22.08 -26.19 6.81
C2 PBL F . -22.85 -26.55 8.07
O2 PBL F . -24.10 -25.85 8.04
C3 PBL F . -22.04 -26.13 9.31
C4 PBL F . -22.80 -26.42 10.59
O4 PBL F . -23.96 -25.58 10.65
C5 PBL F . -21.92 -26.15 11.81
O2' PBL F . -23.09 -27.96 8.12
O4' PBL F . -23.23 -27.79 10.60
#